data_6PGV
#
_entry.id   6PGV
#
_cell.length_a   102.120
_cell.length_b   102.120
_cell.length_c   92.200
_cell.angle_alpha   90.00
_cell.angle_beta   90.00
_cell.angle_gamma   120.00
#
_symmetry.space_group_name_H-M   'P 61 2 2'
#
loop_
_entity.id
_entity.type
_entity.pdbx_description
1 polymer Josephin-2
2 polymer Polyubiquitin-B
3 non-polymer ETHANAMINE
4 water water
#
loop_
_entity_poly.entity_id
_entity_poly.type
_entity_poly.pdbx_seq_one_letter_code
_entity_poly.pdbx_strand_id
1 'polypeptide(L)'
;(MSE)SQAPGAQPSPPTVYHERQRLELCAVHALNNVLQQQLFSQEAADEICKRLAPDSRLNPHRSLLGTGNYDVNVI
(MSE)AALQGLGLAAVWWDRRRPLSQLALPQVLGLILNLPSPVSLGLLSLPLRRRHWVALRQVDGVYYNLDSKLRAPEAL
GDEDGVRAFLAAALAQGLCEVLLVVTKEVEEKGSWLRTD
;
A
2 'polypeptide(L)' MQIFVKTLTGKTITLEVEPSDTIENVKAKIQDKEGIPPDQQRLIFAGKQLEDGRTLSDYNIQKESTLHLVLRLRG B
#
# COMPACT_ATOMS: atom_id res chain seq x y z
N PRO A 12 40.30 -15.09 6.57
CA PRO A 12 39.45 -15.60 5.49
C PRO A 12 37.97 -15.35 5.73
N THR A 13 37.39 -14.39 5.02
CA THR A 13 35.99 -14.00 5.22
C THR A 13 35.07 -15.07 4.62
N VAL A 14 33.78 -14.80 4.63
CA VAL A 14 32.77 -15.75 4.18
C VAL A 14 32.29 -15.33 2.80
N TYR A 15 32.59 -16.14 1.80
CA TYR A 15 32.06 -15.93 0.45
C TYR A 15 30.62 -16.39 0.39
N HIS A 16 29.75 -15.53 -0.14
CA HIS A 16 28.31 -15.81 -0.15
C HIS A 16 27.70 -15.19 -1.40
N GLU A 17 27.48 -16.02 -2.42
CA GLU A 17 26.76 -15.60 -3.62
C GLU A 17 25.26 -15.54 -3.34
N ARG A 18 24.61 -14.47 -3.80
CA ARG A 18 23.18 -14.27 -3.60
C ARG A 18 22.46 -14.20 -4.93
N GLN A 19 21.19 -14.60 -4.92
CA GLN A 19 20.36 -14.49 -6.11
C GLN A 19 20.13 -13.03 -6.47
N ARG A 20 19.91 -12.79 -7.76
CA ARG A 20 19.50 -11.47 -8.20
C ARG A 20 18.08 -11.20 -7.74
N LEU A 21 17.79 -9.92 -7.50
CA LEU A 21 16.49 -9.53 -6.98
C LEU A 21 15.36 -10.01 -7.90
N GLU A 22 14.18 -10.20 -7.30
CA GLU A 22 13.07 -10.82 -8.03
C GLU A 22 12.27 -9.83 -8.86
N LEU A 23 12.40 -8.52 -8.61
CA LEU A 23 11.61 -7.50 -9.31
C LEU A 23 10.10 -7.73 -9.13
N CYS A 24 9.71 -8.15 -7.92
CA CYS A 24 8.32 -8.51 -7.70
C CYS A 24 7.39 -7.31 -7.86
N ALA A 25 7.86 -6.10 -7.52
CA ALA A 25 7.02 -4.92 -7.66
C ALA A 25 6.64 -4.68 -9.12
N VAL A 26 7.58 -4.92 -10.04
CA VAL A 26 7.32 -4.71 -11.47
C VAL A 26 6.37 -5.79 -11.99
N HIS A 27 6.60 -7.05 -11.62
CA HIS A 27 5.73 -8.12 -12.08
C HIS A 27 4.32 -7.97 -11.52
N ALA A 28 4.20 -7.51 -10.27
CA ALA A 28 2.89 -7.30 -9.67
C ALA A 28 2.14 -6.17 -10.38
N LEU A 29 2.84 -5.09 -10.72
CA LEU A 29 2.20 -4.02 -11.48
C LEU A 29 1.73 -4.54 -12.84
N ASN A 30 2.61 -5.24 -13.56
CA ASN A 30 2.25 -5.71 -14.90
C ASN A 30 1.15 -6.77 -14.85
N ASN A 31 1.21 -7.69 -13.88
CA ASN A 31 0.20 -8.73 -13.81
C ASN A 31 -1.16 -8.15 -13.43
N VAL A 32 -1.20 -7.17 -12.53
CA VAL A 32 -2.48 -6.58 -12.16
C VAL A 32 -3.06 -5.77 -13.31
N LEU A 33 -2.23 -5.33 -14.25
CA LEU A 33 -2.69 -4.60 -15.43
C LEU A 33 -2.79 -5.48 -16.67
N GLN A 34 -2.35 -6.74 -16.58
CA GLN A 34 -2.45 -7.71 -17.68
C GLN A 34 -1.71 -7.20 -18.93
N GLN A 35 -0.51 -6.67 -18.72
CA GLN A 35 0.26 -6.08 -19.80
C GLN A 35 1.67 -5.79 -19.31
N GLN A 36 2.66 -6.01 -20.18
CA GLN A 36 4.06 -5.75 -19.84
C GLN A 36 4.35 -4.25 -19.99
N LEU A 37 3.76 -3.48 -19.08
CA LEU A 37 3.82 -2.03 -19.13
C LEU A 37 5.07 -1.48 -18.44
N PHE A 38 5.38 -1.97 -17.25
CA PHE A 38 6.46 -1.42 -16.46
C PHE A 38 7.70 -2.31 -16.52
N SER A 39 8.83 -1.73 -16.17
CA SER A 39 10.11 -2.41 -16.20
C SER A 39 10.93 -1.95 -15.01
N GLN A 40 12.09 -2.57 -14.83
CA GLN A 40 13.02 -2.11 -13.79
C GLN A 40 13.45 -0.68 -14.06
N GLU A 41 13.55 -0.29 -15.33
CA GLU A 41 13.96 1.07 -15.66
C GLU A 41 12.87 2.08 -15.31
N ALA A 42 11.61 1.73 -15.59
CA ALA A 42 10.51 2.61 -15.19
C ALA A 42 10.42 2.73 -13.69
N ALA A 43 10.60 1.61 -12.97
CA ALA A 43 10.56 1.66 -11.51
C ALA A 43 11.68 2.53 -10.95
N ASP A 44 12.90 2.35 -11.46
CA ASP A 44 14.02 3.16 -11.00
C ASP A 44 13.79 4.64 -11.30
N GLU A 45 13.25 4.94 -12.48
CA GLU A 45 12.96 6.33 -12.83
C GLU A 45 11.96 6.94 -11.87
N ILE A 46 10.94 6.18 -11.48
CA ILE A 46 9.95 6.68 -10.53
C ILE A 46 10.59 6.87 -9.15
N CYS A 47 11.45 5.94 -8.75
CA CYS A 47 12.08 6.00 -7.43
C CYS A 47 13.00 7.21 -7.29
N LYS A 48 13.47 7.78 -8.41
CA LYS A 48 14.36 8.95 -8.31
C LYS A 48 13.61 10.16 -7.78
N ARG A 49 12.48 10.51 -8.40
CA ARG A 49 11.79 11.75 -8.09
C ARG A 49 11.05 11.71 -6.76
N LEU A 50 11.01 10.56 -6.09
CA LEU A 50 10.37 10.47 -4.78
C LEU A 50 11.35 10.67 -3.62
N ALA A 51 12.65 10.68 -3.89
CA ALA A 51 13.64 10.88 -2.84
C ALA A 51 13.72 12.34 -2.43
N THR A 65 18.72 -1.83 -4.17
CA THR A 65 17.97 -1.75 -5.41
C THR A 65 17.04 -2.95 -5.56
N GLY A 66 16.04 -2.79 -6.43
CA GLY A 66 15.11 -3.86 -6.73
C GLY A 66 14.13 -4.19 -5.62
N ASN A 67 14.14 -3.44 -4.53
CA ASN A 67 13.23 -3.66 -3.39
C ASN A 67 12.33 -2.43 -3.28
N TYR A 68 11.43 -2.27 -4.24
CA TYR A 68 10.65 -1.04 -4.35
C TYR A 68 9.56 -0.98 -3.28
N ASP A 69 9.35 0.22 -2.75
CA ASP A 69 8.38 0.42 -1.69
C ASP A 69 6.99 0.69 -2.28
N VAL A 70 6.01 0.88 -1.39
CA VAL A 70 4.63 1.09 -1.83
C VAL A 70 4.46 2.48 -2.44
N ASN A 71 5.35 3.42 -2.12
CA ASN A 71 5.30 4.74 -2.75
C ASN A 71 5.54 4.63 -4.25
N VAL A 72 6.47 3.79 -4.67
CA VAL A 72 6.75 3.61 -6.09
C VAL A 72 5.54 3.00 -6.79
N ILE A 73 4.91 2.00 -6.18
CA ILE A 73 3.73 1.38 -6.78
C ILE A 73 2.60 2.40 -6.90
N ALA A 75 2.81 5.70 -7.10
CA ALA A 75 3.18 6.67 -8.14
C ALA A 75 3.07 6.06 -9.53
N ALA A 76 3.45 4.79 -9.68
CA ALA A 76 3.34 4.15 -10.99
C ALA A 76 1.89 4.11 -11.46
N LEU A 77 0.98 3.70 -10.56
CA LEU A 77 -0.43 3.66 -10.92
C LEU A 77 -0.98 5.06 -11.16
N GLN A 78 -0.52 6.03 -10.38
CA GLN A 78 -1.02 7.40 -10.52
C GLN A 78 -0.71 7.97 -11.90
N GLY A 79 0.47 7.63 -12.45
CA GLY A 79 0.83 8.10 -13.78
C GLY A 79 -0.11 7.60 -14.87
N LEU A 80 -0.87 6.54 -14.59
CA LEU A 80 -1.86 5.99 -15.51
C LEU A 80 -3.29 6.39 -15.14
N GLY A 81 -3.45 7.41 -14.29
CA GLY A 81 -4.78 7.77 -13.83
C GLY A 81 -5.43 6.76 -12.92
N LEU A 82 -4.66 5.84 -12.36
CA LEU A 82 -5.16 4.84 -11.42
C LEU A 82 -4.71 5.20 -10.01
N ALA A 83 -5.06 4.34 -9.05
CA ALA A 83 -4.72 4.60 -7.66
C ALA A 83 -4.71 3.29 -6.89
N ALA A 84 -3.92 3.27 -5.81
CA ALA A 84 -3.86 2.14 -4.89
C ALA A 84 -4.50 2.58 -3.58
N VAL A 85 -5.65 1.99 -3.26
CA VAL A 85 -6.30 2.23 -1.98
C VAL A 85 -5.83 1.18 -0.99
N TRP A 86 -5.47 1.63 0.21
CA TRP A 86 -5.00 0.70 1.24
C TRP A 86 -6.20 0.13 1.98
N TRP A 87 -6.33 -1.19 1.97
CA TRP A 87 -7.47 -1.83 2.62
C TRP A 87 -7.26 -1.87 4.13
N ASP A 88 -8.25 -1.41 4.88
CA ASP A 88 -8.20 -1.47 6.34
C ASP A 88 -8.42 -2.92 6.78
N ARG A 89 -7.37 -3.53 7.36
CA ARG A 89 -7.47 -4.91 7.80
C ARG A 89 -8.57 -5.11 8.85
N ARG A 90 -9.02 -4.04 9.49
CA ARG A 90 -10.08 -4.17 10.49
C ARG A 90 -11.45 -4.37 9.86
N ARG A 91 -11.64 -3.93 8.62
CA ARG A 91 -12.94 -4.05 7.97
C ARG A 91 -13.24 -5.51 7.63
N PRO A 92 -14.52 -5.90 7.70
CA PRO A 92 -14.90 -7.21 7.18
C PRO A 92 -14.71 -7.26 5.68
N LEU A 93 -14.27 -8.42 5.19
CA LEU A 93 -14.05 -8.58 3.76
C LEU A 93 -15.34 -8.48 2.96
N SER A 94 -16.50 -8.65 3.61
CA SER A 94 -17.77 -8.48 2.93
C SER A 94 -18.01 -7.05 2.47
N GLN A 95 -17.35 -6.07 3.11
CA GLN A 95 -17.49 -4.68 2.70
C GLN A 95 -16.63 -4.32 1.50
N LEU A 96 -15.86 -5.26 0.95
CA LEU A 96 -15.00 -5.00 -0.20
C LEU A 96 -15.78 -5.33 -1.47
N ALA A 97 -16.09 -4.29 -2.26
CA ALA A 97 -16.79 -4.48 -3.53
C ALA A 97 -15.76 -4.81 -4.59
N LEU A 98 -15.38 -6.09 -4.61
CA LEU A 98 -14.39 -6.58 -5.58
C LEU A 98 -14.72 -6.28 -7.04
N PRO A 99 -15.98 -6.35 -7.50
CA PRO A 99 -16.25 -6.00 -8.90
C PRO A 99 -15.82 -4.58 -9.28
N GLN A 100 -15.81 -3.65 -8.33
CA GLN A 100 -15.41 -2.28 -8.62
C GLN A 100 -13.90 -2.10 -8.70
N VAL A 101 -13.13 -3.13 -8.40
CA VAL A 101 -11.68 -3.03 -8.30
C VAL A 101 -11.05 -3.63 -9.55
N LEU A 102 -10.07 -2.93 -10.12
CA LEU A 102 -9.32 -3.48 -11.26
C LEU A 102 -8.55 -4.72 -10.84
N GLY A 103 -7.93 -4.69 -9.68
CA GLY A 103 -7.19 -5.83 -9.17
C GLY A 103 -6.63 -5.50 -7.81
N LEU A 104 -5.94 -6.48 -7.23
CA LEU A 104 -5.37 -6.35 -5.90
C LEU A 104 -3.87 -6.58 -5.96
N ILE A 105 -3.13 -5.72 -5.27
CA ILE A 105 -1.69 -5.91 -5.07
C ILE A 105 -1.49 -6.21 -3.59
N LEU A 106 -1.03 -7.40 -3.28
CA LEU A 106 -0.79 -7.83 -1.91
C LEU A 106 0.69 -7.68 -1.56
N ASN A 107 0.97 -7.58 -0.26
CA ASN A 107 2.31 -7.63 0.27
C ASN A 107 2.34 -8.76 1.29
N LEU A 108 2.91 -9.89 0.91
CA LEU A 108 2.93 -11.09 1.71
C LEU A 108 4.35 -11.40 2.18
N PRO A 109 4.50 -12.05 3.33
CA PRO A 109 5.84 -12.43 3.78
C PRO A 109 6.39 -13.59 2.97
N SER A 110 7.71 -13.62 2.77
CA SER A 110 8.31 -14.77 2.06
C SER A 110 9.27 -15.49 3.00
N PRO A 111 8.92 -16.65 3.58
CA PRO A 111 9.79 -17.37 4.50
C PRO A 111 11.23 -17.56 3.98
N ARG A 122 12.76 -10.17 8.35
CA ARG A 122 12.12 -11.07 7.39
C ARG A 122 12.18 -10.50 5.98
N ARG A 123 11.42 -11.12 5.07
CA ARG A 123 11.37 -10.73 3.67
C ARG A 123 9.92 -10.67 3.22
N ARG A 124 9.66 -9.76 2.31
CA ARG A 124 8.33 -9.59 1.78
C ARG A 124 8.33 -9.50 0.29
N HIS A 125 7.22 -9.82 -0.32
CA HIS A 125 7.10 -9.71 -1.74
C HIS A 125 5.73 -9.25 -2.18
N TRP A 126 5.67 -8.61 -3.32
CA TRP A 126 4.44 -8.10 -3.87
C TRP A 126 3.77 -9.10 -4.79
N VAL A 127 2.47 -9.23 -4.68
CA VAL A 127 1.73 -10.16 -5.47
C VAL A 127 0.45 -9.55 -5.99
N ALA A 128 0.15 -9.83 -7.24
CA ALA A 128 -1.07 -9.34 -7.88
C ALA A 128 -2.14 -10.40 -7.87
N LEU A 129 -3.36 -10.01 -7.51
CA LEU A 129 -4.56 -10.80 -7.72
C LEU A 129 -5.45 -10.06 -8.71
N ARG A 130 -6.02 -10.80 -9.66
CA ARG A 130 -6.67 -10.17 -10.80
C ARG A 130 -7.74 -11.11 -11.36
N GLN A 131 -8.89 -10.52 -11.70
CA GLN A 131 -9.97 -11.22 -12.37
C GLN A 131 -9.81 -11.14 -13.88
N VAL A 132 -10.02 -12.26 -14.56
CA VAL A 132 -10.03 -12.33 -16.02
C VAL A 132 -11.23 -13.16 -16.44
N ASP A 133 -12.18 -12.53 -17.14
CA ASP A 133 -13.41 -13.17 -17.59
C ASP A 133 -14.18 -13.79 -16.42
N GLY A 134 -14.17 -13.09 -15.28
CA GLY A 134 -14.95 -13.51 -14.14
C GLY A 134 -14.24 -14.43 -13.16
N VAL A 135 -13.07 -14.96 -13.52
CA VAL A 135 -12.32 -15.86 -12.66
C VAL A 135 -11.11 -15.13 -12.11
N TYR A 136 -10.98 -15.13 -10.78
CA TYR A 136 -9.85 -14.49 -10.13
C TYR A 136 -8.65 -15.43 -10.10
N TYR A 137 -7.47 -14.87 -10.27
CA TYR A 137 -6.23 -15.64 -10.26
C TYR A 137 -5.24 -15.03 -9.28
N ASN A 138 -4.47 -15.89 -8.63
CA ASN A 138 -3.28 -15.49 -7.89
C ASN A 138 -2.14 -15.46 -8.90
N LEU A 139 -1.71 -14.26 -9.28
CA LEU A 139 -0.69 -14.07 -10.31
C LEU A 139 0.71 -13.88 -9.72
N ASP A 140 0.97 -14.51 -8.57
CA ASP A 140 2.29 -14.47 -7.96
C ASP A 140 3.37 -14.79 -8.97
N SER A 141 4.33 -13.87 -9.13
CA SER A 141 5.38 -14.06 -10.12
C SER A 141 6.29 -15.23 -9.78
N LYS A 142 6.27 -15.70 -8.53
CA LYS A 142 7.05 -16.90 -8.19
C LYS A 142 6.36 -18.19 -8.61
N LEU A 143 5.09 -18.13 -8.99
CA LEU A 143 4.40 -19.32 -9.47
C LEU A 143 4.85 -19.64 -10.90
N ARG A 144 4.75 -20.92 -11.26
CA ARG A 144 5.03 -21.31 -12.63
C ARG A 144 3.84 -21.06 -13.53
N ALA A 145 2.63 -21.03 -12.96
CA ALA A 145 1.40 -20.79 -13.70
C ALA A 145 0.44 -20.06 -12.77
N PRO A 146 -0.49 -19.27 -13.31
CA PRO A 146 -1.49 -18.63 -12.45
C PRO A 146 -2.33 -19.67 -11.72
N GLU A 147 -2.70 -19.32 -10.49
CA GLU A 147 -3.52 -20.16 -9.63
C GLU A 147 -4.92 -19.59 -9.57
N ALA A 148 -5.89 -20.35 -10.04
CA ALA A 148 -7.28 -19.91 -10.07
C ALA A 148 -7.88 -19.93 -8.67
N LEU A 149 -8.51 -18.82 -8.29
CA LEU A 149 -9.16 -18.72 -6.98
C LEU A 149 -10.67 -18.83 -7.05
N GLY A 150 -11.26 -18.66 -8.23
CA GLY A 150 -12.70 -18.78 -8.38
C GLY A 150 -13.42 -17.45 -8.46
N ASP A 151 -14.56 -17.35 -7.79
CA ASP A 151 -15.37 -16.15 -7.81
C ASP A 151 -14.98 -15.26 -6.62
N GLU A 152 -15.85 -14.29 -6.27
CA GLU A 152 -15.53 -13.38 -5.18
C GLU A 152 -15.37 -14.12 -3.86
N ASP A 153 -16.21 -15.14 -3.63
CA ASP A 153 -16.11 -15.92 -2.39
C ASP A 153 -14.74 -16.61 -2.30
N GLY A 154 -14.27 -17.16 -3.43
CA GLY A 154 -12.99 -17.86 -3.40
C GLY A 154 -11.83 -16.96 -3.04
N VAL A 155 -11.74 -15.80 -3.70
CA VAL A 155 -10.65 -14.87 -3.40
C VAL A 155 -10.86 -14.22 -2.03
N ARG A 156 -12.12 -14.06 -1.61
CA ARG A 156 -12.39 -13.55 -0.27
C ARG A 156 -11.89 -14.52 0.80
N ALA A 157 -12.06 -15.82 0.57
CA ALA A 157 -11.47 -16.81 1.47
C ALA A 157 -9.95 -16.79 1.38
N PHE A 158 -9.41 -16.58 0.19
CA PHE A 158 -7.97 -16.45 0.03
C PHE A 158 -7.43 -15.27 0.83
N LEU A 159 -8.08 -14.11 0.70
CA LEU A 159 -7.65 -12.93 1.45
C LEU A 159 -7.79 -13.16 2.95
N ALA A 160 -8.91 -13.75 3.38
CA ALA A 160 -9.10 -14.02 4.81
C ALA A 160 -8.04 -14.99 5.32
N ALA A 161 -7.67 -15.98 4.50
CA ALA A 161 -6.61 -16.90 4.90
C ALA A 161 -5.24 -16.23 4.86
N ALA A 162 -5.04 -15.29 3.93
CA ALA A 162 -3.78 -14.56 3.88
C ALA A 162 -3.65 -13.59 5.05
N LEU A 163 -4.76 -12.93 5.42
CA LEU A 163 -4.72 -11.99 6.53
C LEU A 163 -4.59 -12.71 7.87
N ALA A 164 -5.25 -13.87 8.02
CA ALA A 164 -5.16 -14.61 9.27
C ALA A 164 -3.76 -15.15 9.50
N GLN A 165 -2.99 -15.37 8.43
CA GLN A 165 -1.60 -15.76 8.57
C GLN A 165 -0.74 -14.65 9.19
N GLY A 166 -1.17 -13.40 9.04
CA GLY A 166 -0.43 -12.28 9.59
C GLY A 166 0.53 -11.67 8.57
N LEU A 167 0.85 -10.39 8.80
CA LEU A 167 1.83 -9.67 8.01
C LEU A 167 1.41 -9.55 6.54
N CYS A 168 0.12 -9.37 6.31
CA CYS A 168 -0.42 -9.23 4.96
C CYS A 168 -1.08 -7.87 4.80
N GLU A 169 -0.70 -7.15 3.76
CA GLU A 169 -1.27 -5.84 3.43
C GLU A 169 -1.94 -5.93 2.07
N VAL A 170 -3.18 -5.45 1.99
CA VAL A 170 -4.00 -5.55 0.79
C VAL A 170 -4.18 -4.15 0.21
N LEU A 171 -3.69 -3.96 -1.02
CA LEU A 171 -3.90 -2.73 -1.75
C LEU A 171 -4.90 -2.97 -2.86
N LEU A 172 -5.83 -2.03 -3.03
CA LEU A 172 -6.84 -2.10 -4.08
C LEU A 172 -6.38 -1.22 -5.24
N VAL A 173 -6.24 -1.80 -6.42
CA VAL A 173 -5.94 -1.05 -7.63
C VAL A 173 -7.26 -0.64 -8.26
N VAL A 174 -7.53 0.66 -8.27
CA VAL A 174 -8.80 1.18 -8.78
C VAL A 174 -8.53 2.42 -9.63
N THR A 175 -9.54 2.80 -10.41
CA THR A 175 -9.47 4.04 -11.16
C THR A 175 -9.57 5.24 -10.22
N LYS A 176 -9.19 6.42 -10.75
CA LYS A 176 -9.31 7.64 -9.97
C LYS A 176 -10.77 7.93 -9.63
N GLU A 177 -11.69 7.59 -10.54
CA GLU A 177 -13.11 7.80 -10.28
C GLU A 177 -13.60 6.94 -9.12
N VAL A 178 -13.24 5.65 -9.13
CA VAL A 178 -13.65 4.76 -8.05
C VAL A 178 -13.02 5.20 -6.73
N GLU A 179 -11.80 5.75 -6.77
CA GLU A 179 -11.19 6.26 -5.55
C GLU A 179 -11.94 7.46 -5.01
N GLU A 180 -12.32 8.40 -5.90
CA GLU A 180 -13.04 9.59 -5.46
C GLU A 180 -14.41 9.22 -4.87
N LYS A 181 -15.11 8.28 -5.51
CA LYS A 181 -16.43 7.90 -5.05
C LYS A 181 -16.39 6.97 -3.85
N GLY A 182 -15.28 6.30 -3.60
CA GLY A 182 -15.25 5.28 -2.57
C GLY A 182 -16.12 4.09 -2.86
N SER A 183 -16.44 3.84 -4.13
CA SER A 183 -17.29 2.71 -4.51
C SER A 183 -16.57 1.37 -4.43
N TRP A 184 -15.29 1.36 -4.06
CA TRP A 184 -14.64 0.11 -3.71
C TRP A 184 -15.18 -0.45 -2.39
N LEU A 185 -15.74 0.41 -1.55
CA LEU A 185 -16.31 0.01 -0.27
C LEU A 185 -17.80 -0.22 -0.44
N ARG A 186 -18.23 -1.46 -0.24
CA ARG A 186 -19.63 -1.84 -0.41
C ARG A 186 -20.48 -1.38 0.78
N MET B 1 -9.14 21.11 16.53
CA MET B 1 -8.40 21.86 15.51
C MET B 1 -8.10 20.99 14.31
N GLN B 2 -7.78 21.61 13.18
CA GLN B 2 -7.52 20.89 11.95
C GLN B 2 -6.04 20.97 11.59
N ILE B 3 -5.48 19.83 11.18
CA ILE B 3 -4.15 19.76 10.61
C ILE B 3 -4.25 18.98 9.30
N PHE B 4 -3.28 19.20 8.42
CA PHE B 4 -3.24 18.57 7.11
C PHE B 4 -2.10 17.58 7.03
N VAL B 5 -2.34 16.44 6.39
CA VAL B 5 -1.33 15.41 6.16
C VAL B 5 -1.18 15.25 4.66
N LYS B 6 0.02 15.53 4.16
CA LYS B 6 0.31 15.46 2.73
C LYS B 6 1.12 14.20 2.45
N THR B 7 0.71 13.47 1.42
CA THR B 7 1.35 12.22 1.03
C THR B 7 2.21 12.42 -0.21
N LEU B 8 3.06 11.42 -0.47
CA LEU B 8 3.97 11.48 -1.63
C LEU B 8 3.23 11.47 -2.95
N THR B 9 1.96 11.03 -2.97
CA THR B 9 1.16 11.02 -4.18
C THR B 9 0.38 12.32 -4.38
N GLY B 10 0.69 13.36 -3.60
CA GLY B 10 0.05 14.64 -3.75
C GLY B 10 -1.28 14.80 -3.05
N LYS B 11 -1.75 13.77 -2.35
CA LYS B 11 -3.02 13.87 -1.64
C LYS B 11 -2.85 14.67 -0.35
N THR B 12 -3.94 15.32 0.07
CA THR B 12 -3.97 16.06 1.32
C THR B 12 -5.09 15.50 2.19
N ILE B 13 -4.76 15.07 3.39
CA ILE B 13 -5.71 14.51 4.35
C ILE B 13 -5.98 15.57 5.41
N THR B 14 -7.25 15.80 5.70
CA THR B 14 -7.65 16.72 6.76
C THR B 14 -8.06 15.93 7.99
N LEU B 15 -7.56 16.35 9.15
CA LEU B 15 -7.76 15.62 10.40
C LEU B 15 -8.24 16.58 11.49
N GLU B 16 -9.08 16.05 12.38
CA GLU B 16 -9.50 16.75 13.57
C GLU B 16 -8.75 16.17 14.76
N VAL B 17 -7.99 17.02 15.45
CA VAL B 17 -7.08 16.58 16.51
C VAL B 17 -7.13 17.57 17.66
N GLU B 18 -6.45 17.19 18.75
CA GLU B 18 -6.21 18.03 19.91
C GLU B 18 -4.72 18.09 20.20
N PRO B 19 -4.23 19.18 20.80
CA PRO B 19 -2.80 19.25 21.13
C PRO B 19 -2.33 18.09 21.99
N SER B 20 -3.20 17.56 22.84
CA SER B 20 -2.86 16.42 23.69
C SER B 20 -2.88 15.09 22.94
N ASP B 21 -3.33 15.06 21.69
CA ASP B 21 -3.28 13.83 20.91
C ASP B 21 -1.84 13.43 20.66
N THR B 22 -1.54 12.16 20.88
CA THR B 22 -0.23 11.64 20.56
C THR B 22 -0.10 11.45 19.05
N ILE B 23 1.15 11.35 18.59
CA ILE B 23 1.40 11.04 17.19
C ILE B 23 0.74 9.72 16.81
N GLU B 24 0.67 8.78 17.75
CA GLU B 24 -0.02 7.53 17.50
C GLU B 24 -1.50 7.75 17.26
N ASN B 25 -2.11 8.68 18.01
CA ASN B 25 -3.51 9.03 17.76
C ASN B 25 -3.68 9.64 16.38
N VAL B 26 -2.73 10.48 15.96
CA VAL B 26 -2.78 11.03 14.61
C VAL B 26 -2.68 9.93 13.57
N LYS B 27 -1.78 8.97 13.79
CA LYS B 27 -1.66 7.84 12.87
C LYS B 27 -2.93 6.98 12.89
N ALA B 28 -3.58 6.89 14.05
CA ALA B 28 -4.84 6.15 14.12
C ALA B 28 -5.95 6.85 13.34
N LYS B 29 -5.97 8.18 13.37
CA LYS B 29 -6.94 8.92 12.58
C LYS B 29 -6.64 8.82 11.09
N ILE B 30 -5.35 8.72 10.73
CA ILE B 30 -4.99 8.47 9.33
C ILE B 30 -5.44 7.08 8.91
N GLN B 31 -5.38 6.11 9.82
CA GLN B 31 -5.83 4.76 9.51
C GLN B 31 -7.34 4.73 9.29
N ASP B 32 -8.10 5.50 10.07
CA ASP B 32 -9.55 5.51 9.91
C ASP B 32 -9.96 6.00 8.53
N LYS B 33 -9.25 7.01 8.00
CA LYS B 33 -9.61 7.58 6.71
C LYS B 33 -8.97 6.83 5.54
N GLU B 34 -7.70 6.45 5.65
CA GLU B 34 -6.97 5.90 4.52
C GLU B 34 -6.76 4.39 4.60
N GLY B 35 -6.96 3.78 5.77
CA GLY B 35 -6.72 2.36 5.94
C GLY B 35 -5.28 1.98 6.17
N ILE B 36 -4.37 2.95 6.16
CA ILE B 36 -2.95 2.68 6.36
C ILE B 36 -2.70 2.35 7.82
N PRO B 37 -2.16 1.17 8.13
CA PRO B 37 -1.91 0.83 9.53
C PRO B 37 -0.89 1.77 10.14
N PRO B 38 -1.01 2.06 11.44
CA PRO B 38 -0.04 2.97 12.08
C PRO B 38 1.40 2.50 11.95
N ASP B 39 1.67 1.20 12.03
CA ASP B 39 3.05 0.72 11.97
C ASP B 39 3.65 0.82 10.58
N GLN B 40 2.88 1.29 9.59
CA GLN B 40 3.39 1.55 8.25
C GLN B 40 3.48 3.04 7.95
N GLN B 41 3.22 3.90 8.93
CA GLN B 41 3.19 5.34 8.72
C GLN B 41 4.44 5.99 9.29
N ARG B 42 4.98 6.96 8.56
CA ARG B 42 6.11 7.76 8.99
C ARG B 42 5.70 9.22 8.83
N LEU B 43 5.46 9.91 9.94
CA LEU B 43 5.01 11.29 9.93
C LEU B 43 6.19 12.21 10.19
N ILE B 44 6.35 13.22 9.34
CA ILE B 44 7.47 14.15 9.41
C ILE B 44 6.93 15.57 9.46
N PHE B 45 7.40 16.35 10.44
CA PHE B 45 7.03 17.75 10.58
C PHE B 45 8.30 18.58 10.68
N ALA B 46 8.44 19.57 9.79
CA ALA B 46 9.59 20.47 9.77
C ALA B 46 10.90 19.70 9.67
N GLY B 47 10.93 18.71 8.78
CA GLY B 47 12.13 17.96 8.50
C GLY B 47 12.53 16.93 9.54
N LYS B 48 11.72 16.71 10.57
CA LYS B 48 12.02 15.73 11.61
C LYS B 48 10.93 14.66 11.65
N GLN B 49 11.33 13.41 11.84
CA GLN B 49 10.38 12.34 12.02
C GLN B 49 9.83 12.37 13.44
N LEU B 50 8.54 12.10 13.58
CA LEU B 50 7.82 12.24 14.84
C LEU B 50 7.72 10.90 15.56
N GLU B 51 7.80 10.94 16.88
CA GLU B 51 7.78 9.73 17.70
C GLU B 51 6.36 9.42 18.15
N ASP B 52 6.01 8.12 18.11
CA ASP B 52 4.63 7.69 18.34
C ASP B 52 4.14 8.09 19.73
N GLY B 53 4.96 7.90 20.75
CA GLY B 53 4.52 8.15 22.12
C GLY B 53 4.40 9.61 22.50
N ARG B 54 5.04 10.49 21.75
CA ARG B 54 4.96 11.91 22.04
C ARG B 54 3.63 12.49 21.55
N THR B 55 3.31 13.69 22.04
CA THR B 55 2.05 14.34 21.73
C THR B 55 2.25 15.40 20.65
N LEU B 56 1.13 15.87 20.11
CA LEU B 56 1.18 16.93 19.10
C LEU B 56 1.74 18.22 19.67
N SER B 57 1.36 18.56 20.91
CA SER B 57 1.82 19.80 21.52
C SER B 57 3.31 19.77 21.82
N ASP B 58 3.87 18.58 22.06
CA ASP B 58 5.30 18.48 22.32
C ASP B 58 6.12 18.98 21.14
N TYR B 59 5.66 18.71 19.91
CA TYR B 59 6.33 19.15 18.71
C TYR B 59 5.87 20.53 18.25
N ASN B 60 5.06 21.21 19.05
CA ASN B 60 4.54 22.54 18.72
C ASN B 60 3.80 22.51 17.38
N ILE B 61 3.08 21.43 17.11
CA ILE B 61 2.25 21.31 15.92
C ILE B 61 0.90 21.95 16.23
N GLN B 62 0.66 23.13 15.67
CA GLN B 62 -0.53 23.90 15.95
C GLN B 62 -1.57 23.69 14.86
N LYS B 63 -2.67 24.43 14.96
CA LYS B 63 -3.75 24.28 14.00
C LYS B 63 -3.28 24.68 12.60
N GLU B 64 -3.91 24.06 11.59
CA GLU B 64 -3.63 24.30 10.17
C GLU B 64 -2.22 23.89 9.76
N SER B 65 -1.46 23.24 10.64
CA SER B 65 -0.14 22.77 10.28
C SER B 65 -0.22 21.66 9.23
N THR B 66 0.90 21.42 8.56
CA THR B 66 0.97 20.48 7.45
C THR B 66 2.02 19.42 7.76
N LEU B 67 1.56 18.21 8.07
CA LEU B 67 2.45 17.09 8.30
C LEU B 67 2.64 16.30 7.00
N HIS B 68 3.80 15.64 6.88
CA HIS B 68 4.11 14.83 5.72
C HIS B 68 4.07 13.36 6.10
N LEU B 69 3.48 12.54 5.22
CA LEU B 69 3.33 11.11 5.44
C LEU B 69 4.20 10.36 4.45
N VAL B 70 5.04 9.46 4.96
CA VAL B 70 5.86 8.56 4.16
C VAL B 70 5.53 7.14 4.59
N LEU B 71 5.31 6.26 3.62
CA LEU B 71 4.93 4.89 3.89
C LEU B 71 6.14 3.97 3.83
N ARG B 72 6.15 2.94 4.68
CA ARG B 72 7.31 2.08 4.87
C ARG B 72 7.27 0.80 4.05
N LEU B 73 6.09 0.38 3.58
CA LEU B 73 5.94 -0.97 3.04
C LEU B 73 6.84 -1.20 1.84
N ARG B 74 7.62 -2.27 1.91
CA ARG B 74 8.62 -2.64 0.91
C ARG B 74 8.42 -4.09 0.52
N GLY B 75 8.90 -4.46 -0.67
CA GLY B 75 8.74 -5.82 -1.15
C GLY B 75 9.61 -6.22 -2.32
#